data_7MTY
#
_entry.id   7MTY
#
_cell.length_a   89.730
_cell.length_b   89.730
_cell.length_c   134.023
_cell.angle_alpha   90.000
_cell.angle_beta   90.000
_cell.angle_gamma   90.000
#
_symmetry.space_group_name_H-M   'I 4 2 2'
#
loop_
_entity.id
_entity.type
_entity.pdbx_description
1 polymer 'Polymerase acidic protein'
2 non-polymer 'Hexa Vinylpyrrolidone K15'
3 non-polymer 'MANGANESE (II) ION'
4 non-polymer 2-(2,6-difluorophenyl)-5-hydroxy-N-[2-(2-methoxypyridin-4-yl)ethyl]-6-oxo-3,6-dihydropyrimidine-4-carboxamide
5 non-polymer 'SULFATE ION'
6 water water
#
_entity_poly.entity_id   1
_entity_poly.type   'polypeptide(L)'
_entity_poly.pdbx_seq_one_letter_code
;MGSSHHHHHHSSGLVPRGSHMEDFVRQCFNPMIVELAEKAMKEYGEDPKIETNKFAAICTHLEVCFMYSDGGSKHRFEII
EGRDRIMAWTVVNSICNTTGVEKPKFLPDLYDYKENRFIEIGVTRREVHIYYLEKANKIKSEKTHIHIFSFTGEEMATKA
DYTLDEESRARIKTRLFTIRQEMASRSLWDSFRQSER
;
_entity_poly.pdbx_strand_id   A
#
loop_
_chem_comp.id
_chem_comp.type
_chem_comp.name
_chem_comp.formula
MN non-polymer 'MANGANESE (II) ION' 'Mn 2'
QQ4 non-polymer 'Hexa Vinylpyrrolidone K15' 'C36 H56 N6 O6'
SO4 non-polymer 'SULFATE ION' 'O4 S -2'
W5V non-polymer 2-(2,6-difluorophenyl)-5-hydroxy-N-[2-(2-methoxypyridin-4-yl)ethyl]-6-oxo-3,6-dihydropyrimidine-4-carboxamide 'C19 H16 F2 N4 O4'
#
# COMPACT_ATOMS: atom_id res chain seq x y z
N PRO A 16 8.87 -24.02 -12.08
CA PRO A 16 9.06 -22.61 -11.70
C PRO A 16 8.27 -21.66 -12.60
N ARG A 17 7.68 -22.19 -13.67
CA ARG A 17 6.83 -21.44 -14.60
C ARG A 17 7.63 -20.41 -15.40
N GLY A 18 8.67 -19.84 -14.80
CA GLY A 18 9.53 -18.91 -15.52
C GLY A 18 8.84 -17.63 -15.96
N SER A 19 7.87 -17.15 -15.19
CA SER A 19 7.19 -15.91 -15.54
C SER A 19 8.18 -14.75 -15.49
N HIS A 20 8.13 -13.89 -16.51
CA HIS A 20 9.08 -12.79 -16.60
C HIS A 20 8.59 -11.53 -15.89
N MET A 21 7.30 -11.46 -15.54
CA MET A 21 6.87 -10.45 -14.57
C MET A 21 7.61 -10.66 -13.24
N GLU A 22 7.85 -11.92 -12.88
CA GLU A 22 8.56 -12.23 -11.64
C GLU A 22 9.97 -11.68 -11.65
N ASP A 23 10.68 -11.86 -12.76
CA ASP A 23 12.06 -11.37 -12.85
C ASP A 23 12.10 -9.85 -12.77
N PHE A 24 11.11 -9.17 -13.36
CA PHE A 24 11.06 -7.72 -13.29
C PHE A 24 10.83 -7.24 -11.86
N VAL A 25 9.90 -7.88 -11.14
CA VAL A 25 9.64 -7.51 -9.76
C VAL A 25 10.92 -7.63 -8.92
N ARG A 26 11.70 -8.68 -9.15
CA ARG A 26 12.91 -8.88 -8.37
C ARG A 26 13.99 -7.87 -8.74
N GLN A 27 13.97 -7.37 -9.97
CA GLN A 27 14.95 -6.36 -10.40
C GLN A 27 14.47 -4.94 -10.12
N CYS A 28 13.16 -4.72 -10.06
CA CYS A 28 12.64 -3.38 -9.89
C CYS A 28 12.54 -2.97 -8.44
N PHE A 29 12.24 -3.90 -7.54
CA PHE A 29 11.95 -3.57 -6.15
C PHE A 29 13.10 -3.97 -5.23
N ASN A 30 13.05 -3.44 -4.03
CA ASN A 30 14.10 -3.68 -3.04
C ASN A 30 14.04 -5.14 -2.57
N PRO A 31 15.19 -5.77 -2.30
CA PRO A 31 15.17 -7.16 -1.85
C PRO A 31 14.37 -7.38 -0.58
N MET A 32 14.40 -6.43 0.35
CA MET A 32 13.62 -6.58 1.58
C MET A 32 12.13 -6.41 1.31
N ILE A 33 11.76 -5.51 0.39
CA ILE A 33 10.36 -5.34 0.04
C ILE A 33 9.84 -6.60 -0.66
N VAL A 34 10.67 -7.19 -1.51
CA VAL A 34 10.28 -8.43 -2.18
C VAL A 34 10.05 -9.55 -1.18
N GLU A 35 10.92 -9.64 -0.17
CA GLU A 35 10.79 -10.69 0.83
C GLU A 35 9.54 -10.51 1.68
N LEU A 36 9.21 -9.26 2.02
CA LEU A 36 8.00 -9.01 2.80
C LEU A 36 6.76 -9.32 1.99
N ALA A 37 6.78 -8.98 0.70
CA ALA A 37 5.64 -9.29 -0.17
C ALA A 37 5.47 -10.80 -0.33
N GLU A 38 6.57 -11.54 -0.41
CA GLU A 38 6.49 -12.99 -0.55
C GLU A 38 5.89 -13.62 0.70
N LYS A 39 6.33 -13.18 1.88
CA LYS A 39 5.77 -13.71 3.12
C LYS A 39 4.29 -13.36 3.26
N ALA A 40 3.92 -12.15 2.84
CA ALA A 40 2.52 -11.74 2.92
C ALA A 40 1.64 -12.59 2.01
N MET A 41 2.09 -12.86 0.79
CA MET A 41 1.31 -13.67 -0.14
C MET A 41 1.22 -15.12 0.32
N LYS A 42 2.35 -15.70 0.74
CA LYS A 42 2.34 -17.09 1.19
C LYS A 42 1.48 -17.26 2.43
N GLU A 43 1.45 -16.26 3.32
CA GLU A 43 0.60 -16.33 4.50
C GLU A 43 -0.87 -16.44 4.11
N TYR A 44 -1.26 -15.80 3.01
CA TYR A 44 -2.63 -15.85 2.51
C TYR A 44 -2.85 -16.96 1.49
N GLY A 45 -1.89 -17.88 1.35
CA GLY A 45 -2.04 -18.99 0.42
C GLY A 45 -1.95 -18.57 -1.03
N GLU A 46 -0.99 -17.71 -1.36
CA GLU A 46 -0.79 -17.25 -2.72
C GLU A 46 0.67 -17.42 -3.11
N ASP A 47 0.90 -17.81 -4.37
CA ASP A 47 2.25 -18.04 -4.87
C ASP A 47 2.71 -16.82 -5.65
N PRO A 48 3.80 -16.17 -5.24
CA PRO A 48 4.34 -15.06 -6.06
C PRO A 48 4.83 -15.51 -7.43
N LYS A 49 5.15 -16.80 -7.59
CA LYS A 49 5.58 -17.31 -8.88
C LYS A 49 4.42 -17.56 -9.83
N ILE A 50 3.21 -17.73 -9.31
CA ILE A 50 2.02 -17.98 -10.12
C ILE A 50 1.19 -16.71 -10.28
N GLU A 51 0.80 -16.09 -9.17
CA GLU A 51 0.03 -14.85 -9.20
C GLU A 51 1.00 -13.66 -9.21
N THR A 52 1.73 -13.57 -10.32
CA THR A 52 2.81 -12.60 -10.47
C THR A 52 2.32 -11.17 -10.64
N ASN A 53 1.11 -10.98 -11.15
CA ASN A 53 0.55 -9.63 -11.24
C ASN A 53 0.28 -9.09 -9.84
N LYS A 54 -0.31 -9.91 -8.97
CA LYS A 54 -0.43 -9.53 -7.57
C LYS A 54 0.94 -9.25 -6.97
N PHE A 55 1.87 -10.20 -7.10
CA PHE A 55 3.24 -10.07 -6.61
C PHE A 55 3.82 -8.68 -6.87
N ALA A 56 3.61 -8.16 -8.08
CA ALA A 56 4.02 -6.79 -8.37
C ALA A 56 3.22 -5.77 -7.57
N ALA A 57 1.96 -6.08 -7.24
CA ALA A 57 1.10 -5.12 -6.56
C ALA A 57 1.41 -5.01 -5.07
N ILE A 58 1.63 -6.15 -4.38
CA ILE A 58 1.99 -6.05 -2.96
C ILE A 58 3.33 -5.35 -2.79
N CYS A 59 4.28 -5.61 -3.70
CA CYS A 59 5.54 -4.87 -3.65
C CYS A 59 5.31 -3.38 -3.80
N THR A 60 4.51 -3.00 -4.81
CA THR A 60 4.19 -1.60 -5.02
C THR A 60 3.50 -1.00 -3.80
N HIS A 61 2.44 -1.66 -3.32
CA HIS A 61 1.73 -1.16 -2.14
C HIS A 61 2.66 -1.07 -0.94
N LEU A 62 3.55 -2.06 -0.78
CA LEU A 62 4.48 -2.05 0.34
C LEU A 62 5.41 -0.84 0.24
N GLU A 63 6.00 -0.62 -0.93
CA GLU A 63 6.93 0.50 -1.08
C GLU A 63 6.24 1.83 -0.81
N VAL A 64 5.05 2.02 -1.39
CA VAL A 64 4.30 3.25 -1.18
C VAL A 64 4.06 3.47 0.31
N CYS A 65 3.69 2.40 1.02
CA CYS A 65 3.48 2.53 2.47
C CYS A 65 4.76 2.97 3.17
N PHE A 66 5.91 2.51 2.68
CA PHE A 66 7.18 2.82 3.35
C PHE A 66 7.60 4.26 3.09
N MET A 67 7.53 4.71 1.84
CA MET A 67 7.82 6.12 1.55
C MET A 67 6.84 7.04 2.27
N TYR A 68 5.57 6.62 2.37
CA TYR A 68 4.58 7.41 3.10
C TYR A 68 5.03 7.65 4.54
N SER A 69 5.43 6.60 5.25
CA SER A 69 5.93 6.77 6.60
C SER A 69 7.24 7.52 6.66
N ASP A 70 7.99 7.54 5.55
CA ASP A 70 9.22 8.33 5.52
C ASP A 70 8.94 9.82 5.47
N GLY A 71 7.79 10.23 4.94
CA GLY A 71 7.38 11.61 5.06
C GLY A 71 7.03 11.98 6.48
N GLY A 72 7.04 13.28 6.74
CA GLY A 72 6.75 13.77 8.07
C GLY A 72 7.90 13.55 9.04
N SER A 73 7.59 13.74 10.32
CA SER A 73 8.60 13.64 11.36
C SER A 73 9.00 12.18 11.60
N LYS A 74 10.01 12.01 12.46
CA LYS A 74 10.59 10.69 12.67
C LYS A 74 9.62 9.75 13.39
N HIS A 75 9.03 10.22 14.49
CA HIS A 75 8.12 9.41 15.29
C HIS A 75 6.66 9.62 14.92
N ARG A 76 6.38 10.09 13.70
CA ARG A 76 5.02 10.45 13.35
C ARG A 76 4.15 9.23 13.07
N PHE A 77 4.67 8.24 12.36
CA PHE A 77 3.88 7.13 11.87
C PHE A 77 4.30 5.82 12.52
N GLU A 78 3.32 4.97 12.81
CA GLU A 78 3.54 3.58 13.19
C GLU A 78 3.16 2.70 12.02
N ILE A 79 4.07 1.81 11.61
CA ILE A 79 3.90 1.02 10.39
C ILE A 79 3.21 -0.29 10.76
N ILE A 80 1.98 -0.48 10.27
CA ILE A 80 1.25 -1.72 10.50
C ILE A 80 1.44 -2.69 9.35
N GLU A 81 1.39 -2.21 8.11
CA GLU A 81 1.61 -3.05 6.95
C GLU A 81 3.05 -3.56 6.94
N GLY A 82 3.22 -4.79 6.45
CA GLY A 82 4.49 -5.45 6.41
C GLY A 82 4.77 -6.38 7.57
N ARG A 83 4.14 -6.14 8.72
CA ARG A 83 4.29 -7.03 9.85
C ARG A 83 3.49 -8.32 9.63
N ASP A 84 3.75 -9.31 10.47
CA ASP A 84 2.94 -10.51 10.47
C ASP A 84 1.56 -10.20 11.06
N ARG A 85 0.58 -11.02 10.71
CA ARG A 85 -0.81 -10.73 11.05
C ARG A 85 -1.00 -10.60 12.55
N ILE A 86 -0.43 -11.52 13.33
CA ILE A 86 -0.60 -11.47 14.78
C ILE A 86 0.09 -10.25 15.36
N MET A 87 1.31 -9.95 14.88
CA MET A 87 2.05 -8.81 15.40
C MET A 87 1.40 -7.49 14.99
N ALA A 88 0.88 -7.41 13.76
CA ALA A 88 0.22 -6.20 13.31
C ALA A 88 -1.02 -5.92 14.15
N TRP A 89 -1.78 -6.96 14.49
CA TRP A 89 -2.95 -6.77 15.34
C TRP A 89 -2.55 -6.44 16.77
N THR A 90 -1.40 -6.92 17.22
CA THR A 90 -0.92 -6.57 18.56
C THR A 90 -0.60 -5.09 18.65
N VAL A 91 0.08 -4.54 17.64
CA VAL A 91 0.41 -3.12 17.64
C VAL A 91 -0.86 -2.29 17.44
N VAL A 92 -1.78 -2.76 16.59
CA VAL A 92 -3.04 -2.06 16.41
C VAL A 92 -3.78 -1.94 17.75
N ASN A 93 -3.79 -3.03 18.52
CA ASN A 93 -4.37 -2.97 19.86
C ASN A 93 -3.68 -1.89 20.70
N SER A 94 -2.39 -2.08 20.97
CA SER A 94 -1.65 -1.16 21.86
C SER A 94 -1.91 0.30 21.52
N ILE A 95 -2.03 0.61 20.23
CA ILE A 95 -2.37 1.98 19.83
C ILE A 95 -3.76 2.34 20.33
N CYS A 96 -4.71 1.41 20.23
CA CYS A 96 -6.07 1.68 20.65
C CYS A 96 -6.17 1.79 22.17
N ASN A 97 -5.58 0.85 22.90
CA ASN A 97 -5.66 0.88 24.36
C ASN A 97 -4.85 2.00 24.99
N THR A 98 -4.08 2.76 24.22
CA THR A 98 -3.35 3.90 24.77
C THR A 98 -3.90 5.26 24.33
N THR A 99 -4.43 5.36 23.12
CA THR A 99 -5.01 6.61 22.63
C THR A 99 -6.52 6.68 22.80
N GLY A 100 -7.20 5.54 22.80
CA GLY A 100 -8.64 5.50 22.89
C GLY A 100 -9.37 5.39 21.57
N VAL A 101 -8.64 5.30 20.45
CA VAL A 101 -9.28 5.15 19.16
C VAL A 101 -9.97 3.80 19.07
N GLU A 102 -11.07 3.75 18.31
CA GLU A 102 -11.81 2.51 18.16
C GLU A 102 -11.01 1.50 17.33
N LYS A 103 -11.14 0.23 17.68
CA LYS A 103 -10.42 -0.83 16.98
C LYS A 103 -11.01 -1.02 15.59
N PRO A 104 -10.23 -0.85 14.52
CA PRO A 104 -10.79 -1.04 13.17
C PRO A 104 -11.10 -2.50 12.89
N LYS A 105 -12.09 -2.70 12.01
CA LYS A 105 -12.50 -4.07 11.68
C LYS A 105 -11.46 -4.78 10.84
N PHE A 106 -10.84 -4.07 9.90
CA PHE A 106 -9.81 -4.63 9.04
C PHE A 106 -8.47 -4.00 9.35
N LEU A 107 -7.40 -4.74 9.09
CA LEU A 107 -6.05 -4.28 9.36
C LEU A 107 -5.72 -3.05 8.52
N PRO A 108 -5.38 -1.92 9.14
CA PRO A 108 -4.96 -0.75 8.35
C PRO A 108 -3.48 -0.79 8.02
N ASP A 109 -2.98 0.24 7.34
CA ASP A 109 -1.58 0.27 6.90
C ASP A 109 -0.68 1.01 7.88
N LEU A 110 -1.07 2.21 8.30
CA LEU A 110 -0.27 3.06 9.16
C LEU A 110 -1.10 3.54 10.34
N TYR A 111 -0.44 4.25 11.25
CA TYR A 111 -1.13 5.03 12.27
C TYR A 111 -0.45 6.38 12.38
N ASP A 112 -1.25 7.44 12.41
CA ASP A 112 -0.74 8.81 12.49
C ASP A 112 -0.76 9.25 13.95
N TYR A 113 0.42 9.33 14.57
CA TYR A 113 0.50 9.85 15.93
C TYR A 113 0.23 11.35 15.97
N LYS A 114 0.34 12.04 14.83
CA LYS A 114 0.11 13.49 14.80
C LYS A 114 -1.37 13.81 14.71
N GLU A 115 -2.13 13.04 13.92
CA GLU A 115 -3.55 13.27 13.73
C GLU A 115 -4.42 12.27 14.50
N ASN A 116 -3.81 11.27 15.13
CA ASN A 116 -4.53 10.28 15.94
C ASN A 116 -5.59 9.54 15.11
N ARG A 117 -5.12 8.83 14.08
CA ARG A 117 -6.00 8.07 13.22
C ARG A 117 -5.18 7.05 12.45
N PHE A 118 -5.85 5.95 12.09
CA PHE A 118 -5.24 4.95 11.22
C PHE A 118 -5.41 5.36 9.76
N ILE A 119 -4.43 4.99 8.93
CA ILE A 119 -4.43 5.36 7.52
C ILE A 119 -4.49 4.09 6.70
N GLU A 120 -5.41 4.05 5.74
CA GLU A 120 -5.51 2.98 4.77
C GLU A 120 -5.00 3.49 3.43
N ILE A 121 -3.85 2.97 3.00
CA ILE A 121 -3.21 3.42 1.77
C ILE A 121 -3.67 2.54 0.61
N GLY A 122 -4.09 3.18 -0.47
CA GLY A 122 -4.56 2.47 -1.65
C GLY A 122 -3.72 2.81 -2.87
N VAL A 123 -3.47 1.81 -3.70
CA VAL A 123 -2.75 1.95 -4.96
C VAL A 123 -3.55 1.21 -6.02
N THR A 124 -4.15 1.95 -6.96
CA THR A 124 -5.08 1.38 -7.91
C THR A 124 -4.60 1.60 -9.34
N ARG A 125 -5.13 0.78 -10.24
CA ARG A 125 -4.85 0.89 -11.67
C ARG A 125 -5.96 1.59 -12.44
N ARG A 126 -7.08 1.90 -11.79
CA ARG A 126 -8.19 2.61 -12.39
C ARG A 126 -8.30 4.00 -11.78
N GLU A 127 -9.44 4.66 -12.01
CA GLU A 127 -9.65 5.98 -11.44
C GLU A 127 -9.77 5.89 -9.93
N VAL A 128 -9.20 6.88 -9.24
CA VAL A 128 -9.17 6.88 -7.78
C VAL A 128 -10.57 7.00 -7.19
N HIS A 129 -11.55 7.43 -7.98
CA HIS A 129 -12.91 7.60 -7.47
C HIS A 129 -13.51 6.26 -7.06
N ILE A 130 -13.44 5.26 -7.95
CA ILE A 130 -14.06 3.97 -7.65
C ILE A 130 -13.35 3.29 -6.49
N TYR A 131 -12.01 3.22 -6.54
CA TYR A 131 -11.27 2.49 -5.51
C TYR A 131 -11.52 3.10 -4.12
N TYR A 132 -11.57 4.43 -4.03
CA TYR A 132 -11.89 5.05 -2.75
C TYR A 132 -13.27 4.62 -2.27
N LEU A 133 -14.23 4.51 -3.19
CA LEU A 133 -15.57 4.07 -2.81
C LEU A 133 -15.55 2.64 -2.28
N GLU A 134 -14.84 1.75 -2.97
CA GLU A 134 -14.73 0.38 -2.48
C GLU A 134 -14.01 0.33 -1.14
N LYS A 135 -12.98 1.14 -0.95
CA LYS A 135 -12.27 1.16 0.32
C LYS A 135 -13.14 1.73 1.43
N ALA A 136 -13.93 2.77 1.12
CA ALA A 136 -14.80 3.36 2.14
C ALA A 136 -15.98 2.47 2.47
N ASN A 137 -16.48 1.71 1.49
CA ASN A 137 -17.59 0.80 1.76
C ASN A 137 -17.14 -0.42 2.55
N LYS A 138 -15.87 -0.81 2.40
CA LYS A 138 -15.37 -1.97 3.12
C LYS A 138 -15.31 -1.70 4.62
N ILE A 139 -14.64 -0.63 5.02
CA ILE A 139 -14.50 -0.29 6.43
C ILE A 139 -15.78 0.36 6.94
N LYS A 140 -16.18 -0.01 8.14
CA LYS A 140 -17.31 0.65 8.80
C LYS A 140 -16.87 1.76 9.73
N SER A 141 -15.64 1.65 10.26
CA SER A 141 -15.07 2.71 11.09
C SER A 141 -14.71 3.91 10.24
N GLU A 142 -15.62 4.88 10.14
CA GLU A 142 -15.36 6.08 9.33
C GLU A 142 -14.24 6.93 9.89
N LYS A 143 -13.74 6.62 11.09
CA LYS A 143 -12.63 7.38 11.65
C LYS A 143 -11.31 7.08 10.95
N THR A 144 -11.17 5.88 10.39
CA THR A 144 -9.94 5.48 9.71
C THR A 144 -9.76 6.31 8.44
N HIS A 145 -8.62 6.98 8.33
CA HIS A 145 -8.35 7.85 7.19
C HIS A 145 -7.97 7.01 5.97
N ILE A 146 -8.43 7.45 4.80
CA ILE A 146 -8.19 6.75 3.53
C ILE A 146 -7.40 7.68 2.63
N HIS A 147 -6.34 7.14 2.02
CA HIS A 147 -5.49 7.88 1.09
C HIS A 147 -5.18 6.98 -0.09
N ILE A 148 -5.69 7.33 -1.26
CA ILE A 148 -5.55 6.52 -2.47
C ILE A 148 -4.53 7.16 -3.39
N PHE A 149 -3.73 6.32 -4.04
CA PHE A 149 -2.82 6.76 -5.09
C PHE A 149 -3.10 5.97 -6.36
N SER A 150 -2.78 6.57 -7.51
CA SER A 150 -2.97 5.93 -8.80
C SER A 150 -1.67 5.94 -9.58
N PHE A 151 -1.54 4.97 -10.50
CA PHE A 151 -0.36 4.91 -11.36
C PHE A 151 -0.31 6.05 -12.37
N THR A 152 -1.41 6.76 -12.58
CA THR A 152 -1.43 7.89 -13.50
C THR A 152 -0.95 9.19 -12.87
N GLY A 153 -0.98 9.31 -11.55
CA GLY A 153 -0.51 10.50 -10.88
C GLY A 153 -1.58 11.21 -10.08
N GLU A 154 -2.72 10.57 -9.87
CA GLU A 154 -3.81 11.12 -9.09
C GLU A 154 -3.75 10.63 -7.66
N GLU A 155 -4.46 11.33 -6.78
CA GLU A 155 -4.57 10.93 -5.39
C GLU A 155 -5.88 11.46 -4.81
N MET A 156 -6.41 10.75 -3.83
CA MET A 156 -7.67 11.13 -3.21
C MET A 156 -7.64 10.71 -1.75
N ALA A 157 -7.86 11.67 -0.85
CA ALA A 157 -7.79 11.41 0.58
C ALA A 157 -9.07 11.87 1.25
N THR A 158 -9.33 11.28 2.43
CA THR A 158 -10.54 11.58 3.17
C THR A 158 -10.56 13.04 3.59
N LYS A 159 -11.71 13.69 3.39
CA LYS A 159 -11.92 15.09 3.76
C LYS A 159 -10.88 16.01 3.12
N ALA A 160 -10.36 15.60 1.96
CA ALA A 160 -9.30 16.32 1.25
C ALA A 160 -8.09 16.57 2.14
N ASP A 161 -7.92 15.77 3.18
CA ASP A 161 -6.79 15.89 4.11
C ASP A 161 -5.73 14.88 3.65
N TYR A 162 -4.72 15.36 2.94
CA TYR A 162 -3.70 14.52 2.35
C TYR A 162 -2.51 14.27 3.28
N THR A 163 -2.64 14.61 4.56
CA THR A 163 -1.71 14.22 5.61
C THR A 163 -0.29 14.76 5.41
N LEU A 164 0.41 14.29 4.38
CA LEU A 164 1.81 14.65 4.19
C LEU A 164 1.95 15.93 3.36
N ASP A 165 3.19 16.35 3.17
CA ASP A 165 3.48 17.50 2.32
C ASP A 165 3.28 17.13 0.85
N GLU A 166 3.23 18.17 0.02
CA GLU A 166 3.07 17.95 -1.42
C GLU A 166 4.30 17.27 -2.01
N GLU A 167 5.49 17.63 -1.54
CA GLU A 167 6.72 17.05 -2.08
C GLU A 167 6.82 15.56 -1.77
N SER A 168 6.39 15.15 -0.57
CA SER A 168 6.42 13.74 -0.23
C SER A 168 5.43 12.95 -1.08
N ARG A 169 4.23 13.49 -1.29
CA ARG A 169 3.26 12.80 -2.12
C ARG A 169 3.68 12.80 -3.59
N ALA A 170 4.36 13.87 -4.04
CA ALA A 170 4.82 13.92 -5.41
C ALA A 170 5.88 12.85 -5.68
N ARG A 171 6.76 12.59 -4.71
CA ARG A 171 7.75 11.54 -4.86
C ARG A 171 7.10 10.18 -5.05
N ILE A 172 6.02 9.93 -4.32
CA ILE A 172 5.31 8.65 -4.46
C ILE A 172 4.68 8.55 -5.84
N LYS A 173 4.09 9.64 -6.33
CA LYS A 173 3.49 9.63 -7.66
C LYS A 173 4.54 9.39 -8.74
N THR A 174 5.68 10.08 -8.63
CA THR A 174 6.77 9.88 -9.59
C THR A 174 7.21 8.43 -9.64
N ARG A 175 7.41 7.82 -8.46
CA ARG A 175 7.81 6.41 -8.41
C ARG A 175 6.75 5.51 -9.04
N LEU A 176 5.47 5.79 -8.77
CA LEU A 176 4.40 4.99 -9.34
C LEU A 176 4.42 5.04 -10.87
N PHE A 177 4.64 6.23 -11.44
CA PHE A 177 4.67 6.34 -12.90
C PHE A 177 5.93 5.72 -13.47
N THR A 178 7.05 5.75 -12.73
CA THR A 178 8.25 5.07 -13.19
C THR A 178 8.04 3.58 -13.28
N ILE A 179 7.35 2.99 -12.29
CA ILE A 179 7.07 1.56 -12.33
C ILE A 179 6.20 1.23 -13.55
N ARG A 180 5.20 2.06 -13.84
CA ARG A 180 4.34 1.82 -14.99
C ARG A 180 5.15 1.84 -16.29
N GLN A 181 6.06 2.81 -16.42
CA GLN A 181 6.87 2.90 -17.63
C GLN A 181 7.74 1.67 -17.81
N GLU A 182 8.37 1.20 -16.72
CA GLU A 182 9.26 0.05 -16.81
C GLU A 182 8.50 -1.20 -17.23
N MET A 183 7.24 -1.34 -16.81
CA MET A 183 6.45 -2.48 -17.23
C MET A 183 5.96 -2.34 -18.67
N ALA A 184 5.60 -1.12 -19.07
CA ALA A 184 5.21 -0.89 -20.45
C ALA A 184 6.35 -1.19 -21.41
N SER A 185 7.58 -0.89 -21.00
CA SER A 185 8.74 -1.20 -21.83
C SER A 185 8.93 -2.70 -22.00
N ARG A 186 8.52 -3.48 -21.00
CA ARG A 186 8.61 -4.94 -21.06
C ARG A 186 7.30 -5.59 -21.47
N SER A 187 6.33 -4.80 -21.92
CA SER A 187 5.04 -5.30 -22.41
C SER A 187 4.26 -6.03 -21.32
N LEU A 188 4.51 -5.69 -20.06
CA LEU A 188 3.81 -6.28 -18.94
C LEU A 188 2.76 -5.35 -18.34
N TRP A 189 2.63 -4.13 -18.85
CA TRP A 189 1.70 -3.18 -18.26
C TRP A 189 0.24 -3.53 -18.60
N ASP A 190 0.00 -4.00 -19.83
CA ASP A 190 -1.37 -4.28 -20.23
C ASP A 190 -1.99 -5.40 -19.40
N SER A 191 -1.21 -6.44 -19.10
CA SER A 191 -1.73 -7.52 -18.27
C SER A 191 -1.92 -7.08 -16.83
N PHE A 192 -1.04 -6.21 -16.33
CA PHE A 192 -1.11 -5.78 -14.94
C PHE A 192 -2.32 -4.89 -14.71
N ARG A 193 -2.60 -3.96 -15.62
CA ARG A 193 -3.75 -3.08 -15.46
C ARG A 193 -5.06 -3.84 -15.52
N GLN A 194 -5.13 -4.86 -16.38
CA GLN A 194 -6.33 -5.67 -16.54
C GLN A 194 -6.38 -6.86 -15.58
N SER A 195 -5.78 -6.73 -14.39
CA SER A 195 -5.82 -7.77 -13.38
C SER A 195 -6.47 -7.36 -12.08
N GLU A 196 -6.53 -6.06 -11.77
CA GLU A 196 -7.13 -5.58 -10.55
C GLU A 196 -8.63 -5.84 -10.52
C11 QQ4 B . 16.19 2.85 6.05
C10 QQ4 B . 12.14 -1.38 11.00
C01 QQ4 B . 14.95 2.88 5.17
C02 QQ4 B . 14.21 1.55 5.28
C03 QQ4 B . 12.70 1.75 5.26
C04 QQ4 B . 12.04 0.44 5.72
C05 QQ4 B . 11.14 0.61 6.95
C06 QQ4 B . 10.48 -0.75 7.24
C07 QQ4 B . 10.67 -1.30 8.66
C08 QQ4 B . 11.82 -2.32 8.67
C09 QQ4 B . 12.40 -2.56 10.07
C22 QQ4 B . 15.13 4.39 3.08
C23 QQ4 B . 16.03 2.20 2.88
C24 QQ4 B . 16.24 2.91 1.55
C25 QQ4 B . 16.10 4.37 1.90
C26 QQ4 B . 11.60 3.32 3.54
C27 QQ4 B . 11.72 3.40 2.01
C28 QQ4 B . 11.81 1.95 1.56
C29 QQ4 B . 12.39 1.23 2.75
C30 QQ4 B . 13.22 0.84 8.55
C31 QQ4 B . 13.54 1.74 9.73
C32 QQ4 B . 12.20 2.23 10.19
C33 QQ4 B . 11.36 2.28 8.92
C34 QQ4 B . 8.89 -3.19 8.32
C35 QQ4 B . 7.44 -3.30 8.81
C36 QQ4 B . 7.43 -2.66 10.17
C37 QQ4 B . 8.56 -1.68 10.15
C38 QQ4 B . 11.03 -3.83 11.87
C39 QQ4 B . 11.99 -5.12 10.12
C40 QQ4 B . 11.25 -6.08 11.04
C41 QQ4 B . 11.07 -5.29 12.32
N03 QQ4 B . 15.35 3.14 3.79
N04 QQ4 B . 12.26 2.08 3.92
N05 QQ4 B . 11.87 1.19 8.08
N06 QQ4 B . 9.46 -2.01 9.03
N07 QQ4 B . 11.84 -3.76 10.65
O02 QQ4 B . 16.36 1.10 3.14
O03 QQ4 B . 12.90 0.15 2.72
O04 QQ4 B . 13.94 0.01 8.11
O06 QQ4 B . 8.72 -0.79 10.92
O07 QQ4 B . 12.59 -5.42 9.15
MN MN C . -3.59 -0.48 1.91
MN MN D . -2.63 -3.15 4.36
C11 W5V E . -3.98 -4.66 2.07
C12 W5V E . -3.97 -3.18 1.92
C14 W5V E . -4.05 -2.55 0.56
C17 W5V E . -4.15 -4.85 -0.48
C19 W5V E . -4.24 -5.72 -1.73
C20 W5V E . -5.48 -6.15 -2.20
C01 W5V E . -5.28 -11.47 -1.91
C03 W5V E . -4.03 -10.65 -0.09
C04 W5V E . -3.92 -9.66 0.87
C05 W5V E . -2.69 -9.31 1.38
C06 W5V E . -2.59 -8.22 2.45
C07 W5V E . -3.98 -7.75 2.89
C09 W5V E . -3.88 -5.24 3.49
C22 W5V E . -5.55 -6.93 -3.34
C23 W5V E . -4.39 -7.27 -4.02
C24 W5V E . -3.16 -6.85 -3.56
C25 W5V E . -3.09 -6.07 -2.42
C27 W5V E . -1.56 -9.95 0.88
C28 W5V E . -1.74 -10.93 -0.09
F21 W5V E . -6.62 -5.80 -1.53
F26 W5V E . -1.88 -5.64 -1.95
N08 W5V E . -3.88 -6.66 3.83
N16 W5V E . -4.15 -3.39 -0.62
N18 W5V E . -4.07 -5.49 0.88
N29 W5V E . -2.94 -11.24 -0.56
O02 W5V E . -5.28 -10.99 -0.59
O10 W5V E . -3.81 -4.47 4.38
O13 W5V E . -3.88 -2.36 3.05
O15 W5V E . -4.05 -1.38 0.45
S SO4 F . 5.29 16.63 9.91
O1 SO4 F . 4.89 15.35 10.51
O2 SO4 F . 6.73 16.63 9.66
O3 SO4 F . 4.96 17.72 10.84
O4 SO4 F . 4.57 16.82 8.66
S SO4 G . -2.16 -12.93 -11.65
O1 SO4 G . -2.62 -14.32 -11.58
O2 SO4 G . -0.82 -12.90 -12.26
O3 SO4 G . -3.08 -12.15 -12.46
O4 SO4 G . -2.09 -12.38 -10.31
#